data_1ZTG
#
_entry.id   1ZTG
#
_cell.length_a   45.6
_cell.length_b   76.8
_cell.length_c   61.4
_cell.angle_alpha   90.00
_cell.angle_beta   111.7
_cell.angle_gamma   90.00
#
_symmetry.space_group_name_H-M   'P 1 21 1'
#
loop_
_entity.id
_entity.type
_entity.pdbx_description
1 polymer 'POLY(RC)-BINDING PROTEIN 1'
2 polymer "5'-D(P*CP*CP*CP*TP*CP*CP*CP*T)-3'"
#
loop_
_entity_poly.entity_id
_entity_poly.type
_entity_poly.pdbx_seq_one_letter_code
_entity_poly.pdbx_strand_id
1 'polypeptide(L)' GILTIRLLMHGKEVGSIIGKKGESVKRIREESGARINISEGNCPERIITLTGPTNAIFKAFAMIIDKLEEDINS A,B,C,D
2 'polydeoxyribonucleotide' (DC)(DC)(DC)(DT)(DC)(DC)(DC)(DT) Y,Z
#
# COMPACT_ATOMS: atom_id res chain seq x y z
N ILE A 2 0.29 -23.33 -1.05
CA ILE A 2 -0.70 -22.42 -0.42
C ILE A 2 -1.66 -23.25 0.46
N LEU A 3 -1.44 -23.24 1.77
CA LEU A 3 -2.21 -24.06 2.71
C LEU A 3 -2.78 -23.26 3.87
N THR A 4 -3.87 -23.77 4.43
CA THR A 4 -4.57 -23.11 5.51
C THR A 4 -4.58 -23.95 6.79
N ILE A 5 -4.36 -23.30 7.93
CA ILE A 5 -4.46 -24.03 9.20
C ILE A 5 -5.01 -23.24 10.37
N ARG A 6 -6.05 -23.79 10.97
CA ARG A 6 -6.81 -23.11 12.00
C ARG A 6 -6.24 -23.37 13.39
N LEU A 7 -6.04 -22.29 14.14
CA LEU A 7 -5.61 -22.38 15.53
C LEU A 7 -6.68 -21.87 16.48
N LEU A 8 -7.00 -22.72 17.45
CA LEU A 8 -7.95 -22.40 18.50
C LEU A 8 -7.26 -21.52 19.54
N MET A 9 -8.00 -20.59 20.17
CA MET A 9 -7.40 -19.67 21.14
C MET A 9 -8.35 -19.08 22.16
N HIS A 10 -8.00 -19.22 23.44
CA HIS A 10 -8.73 -18.56 24.53
C HIS A 10 -8.78 -17.02 24.31
N GLY A 11 -9.70 -16.34 24.98
CA GLY A 11 -9.83 -14.89 24.88
C GLY A 11 -8.52 -14.16 25.09
N LYS A 12 -7.98 -14.26 26.30
CA LYS A 12 -6.70 -13.64 26.69
C LYS A 12 -5.53 -13.97 25.75
N GLU A 13 -5.45 -15.23 25.34
CA GLU A 13 -4.45 -15.68 24.36
C GLU A 13 -4.42 -14.78 23.13
N VAL A 14 -5.59 -14.54 22.56
CA VAL A 14 -5.71 -13.74 21.35
C VAL A 14 -5.16 -12.32 21.54
N GLY A 15 -5.59 -11.66 22.62
CA GLY A 15 -5.17 -10.29 22.91
C GLY A 15 -3.67 -10.06 22.77
N SER A 16 -2.89 -11.11 23.06
CA SER A 16 -1.43 -11.06 22.98
C SER A 16 -0.96 -10.94 21.52
N ILE A 17 -1.58 -11.71 20.63
CA ILE A 17 -1.24 -11.66 19.21
C ILE A 17 -1.65 -10.33 18.58
N ILE A 18 -2.58 -9.63 19.23
CA ILE A 18 -3.03 -8.31 18.79
C ILE A 18 -2.61 -7.26 19.82
N GLY A 19 -1.32 -7.17 20.11
CA GLY A 19 -0.81 -6.26 21.15
C GLY A 19 -1.44 -4.87 21.11
N LYS A 20 -1.44 -4.18 22.24
CA LYS A 20 -2.16 -2.90 22.32
C LYS A 20 -2.03 -2.06 21.06
N LYS A 21 -3.13 -1.97 20.32
CA LYS A 21 -3.29 -1.15 19.10
C LYS A 21 -3.24 -1.91 17.78
N GLY A 22 -2.87 -3.18 17.83
CA GLY A 22 -2.95 -4.05 16.66
C GLY A 22 -1.61 -4.36 16.01
N GLU A 23 -0.55 -3.81 16.56
CA GLU A 23 0.81 -4.01 16.05
C GLU A 23 1.31 -5.47 16.04
N SER A 24 1.02 -6.24 17.10
CA SER A 24 1.58 -7.58 17.21
C SER A 24 1.29 -8.39 15.96
N VAL A 25 0.02 -8.41 15.56
CA VAL A 25 -0.36 -9.05 14.32
C VAL A 25 0.35 -8.32 13.17
N LYS A 26 0.28 -6.99 13.19
CA LYS A 26 0.85 -6.19 12.11
C LYS A 26 2.28 -6.61 11.77
N ARG A 27 3.01 -7.13 12.76
CA ARG A 27 4.34 -7.68 12.51
C ARG A 27 4.14 -9.05 11.88
N ILE A 28 3.66 -9.98 12.68
CA ILE A 28 3.43 -11.35 12.24
C ILE A 28 2.95 -11.40 10.79
N ARG A 29 1.98 -10.54 10.47
CA ARG A 29 1.48 -10.42 9.11
C ARG A 29 2.59 -9.97 8.16
N GLU A 30 3.02 -8.72 8.33
CA GLU A 30 4.04 -8.12 7.45
C GLU A 30 5.39 -8.86 7.46
N GLU A 31 5.59 -9.74 8.45
CA GLU A 31 6.89 -10.40 8.63
C GLU A 31 6.95 -11.88 8.24
N SER A 32 5.80 -12.56 8.20
CA SER A 32 5.78 -13.96 7.78
C SER A 32 5.29 -14.15 6.34
N GLY A 33 4.52 -13.18 5.84
CA GLY A 33 3.91 -13.27 4.51
C GLY A 33 2.60 -14.05 4.51
N ALA A 34 2.11 -14.43 5.69
CA ALA A 34 0.89 -15.20 5.79
C ALA A 34 -0.34 -14.30 5.71
N ARG A 35 -1.47 -14.92 5.35
CA ARG A 35 -2.78 -14.33 5.53
C ARG A 35 -3.26 -14.76 6.91
N ILE A 36 -3.37 -13.79 7.81
CA ILE A 36 -3.76 -14.08 9.18
C ILE A 36 -5.10 -13.40 9.48
N ASN A 37 -6.04 -14.21 9.94
CA ASN A 37 -7.34 -13.71 10.34
C ASN A 37 -7.76 -14.20 11.73
N ILE A 38 -8.32 -13.27 12.50
CA ILE A 38 -8.74 -13.50 13.87
C ILE A 38 -10.20 -13.10 14.03
N SER A 39 -11.08 -14.11 13.95
CA SER A 39 -12.53 -13.96 14.14
C SER A 39 -12.88 -13.12 15.36
N GLU A 40 -13.55 -11.99 15.15
CA GLU A 40 -13.78 -11.04 16.25
C GLU A 40 -14.97 -11.39 17.14
N GLY A 41 -15.33 -10.44 18.01
CA GLY A 41 -16.42 -10.61 18.96
C GLY A 41 -15.92 -11.33 20.19
N ASN A 42 -16.18 -10.74 21.35
CA ASN A 42 -15.77 -11.30 22.65
C ASN A 42 -16.34 -12.69 22.91
N CYS A 43 -15.78 -13.64 22.16
CA CYS A 43 -16.11 -15.05 22.22
C CYS A 43 -14.98 -15.73 22.97
N PRO A 44 -15.30 -16.63 23.92
CA PRO A 44 -14.27 -17.30 24.73
C PRO A 44 -13.24 -18.06 23.89
N GLU A 45 -13.70 -18.68 22.81
CA GLU A 45 -12.85 -19.37 21.85
C GLU A 45 -12.82 -18.61 20.52
N ARG A 46 -11.62 -18.37 20.00
CA ARG A 46 -11.46 -17.60 18.75
C ARG A 46 -10.56 -18.33 17.79
N ILE A 47 -10.94 -18.35 16.52
CA ILE A 47 -10.08 -18.95 15.50
C ILE A 47 -9.12 -17.89 14.96
N ILE A 48 -7.89 -18.33 14.71
CA ILE A 48 -6.87 -17.56 14.01
C ILE A 48 -6.55 -18.46 12.85
N THR A 49 -6.83 -17.98 11.64
CA THR A 49 -6.62 -18.80 10.49
C THR A 49 -5.30 -18.37 9.89
N LEU A 50 -4.49 -19.35 9.47
CA LEU A 50 -3.21 -19.06 8.89
C LEU A 50 -3.25 -19.66 7.52
N THR A 51 -2.88 -18.83 6.55
CA THR A 51 -3.10 -19.11 5.14
C THR A 51 -1.93 -18.59 4.28
N GLY A 52 -1.40 -19.47 3.42
CA GLY A 52 -0.27 -19.16 2.55
C GLY A 52 0.60 -20.39 2.33
N PRO A 53 1.79 -20.21 1.72
CA PRO A 53 2.75 -21.31 1.50
C PRO A 53 3.46 -21.75 2.79
N THR A 54 4.03 -22.95 2.77
CA THR A 54 4.59 -23.60 3.96
C THR A 54 5.39 -22.67 4.87
N ASN A 55 6.50 -22.16 4.35
CA ASN A 55 7.38 -21.29 5.14
C ASN A 55 6.67 -20.08 5.73
N ALA A 56 5.83 -19.44 4.93
CA ALA A 56 5.00 -18.35 5.43
C ALA A 56 4.23 -18.77 6.68
N ILE A 57 3.59 -19.93 6.62
CA ILE A 57 2.88 -20.48 7.76
C ILE A 57 3.81 -20.67 8.95
N PHE A 58 4.84 -21.49 8.74
CA PHE A 58 5.93 -21.68 9.69
C PHE A 58 6.25 -20.39 10.42
N LYS A 59 6.69 -19.39 9.67
CA LYS A 59 7.12 -18.11 10.23
C LYS A 59 6.05 -17.49 11.11
N ALA A 60 4.84 -17.41 10.58
CA ALA A 60 3.70 -16.88 11.31
C ALA A 60 3.48 -17.71 12.58
N PHE A 61 3.52 -19.04 12.43
CA PHE A 61 3.34 -19.97 13.55
C PHE A 61 4.36 -19.71 14.65
N ALA A 62 5.64 -19.76 14.27
CA ALA A 62 6.77 -19.58 15.17
C ALA A 62 6.71 -18.27 15.97
N MET A 63 6.31 -17.19 15.32
CA MET A 63 6.15 -15.90 15.98
C MET A 63 4.97 -15.92 16.95
N ILE A 64 3.90 -16.60 16.54
CA ILE A 64 2.75 -16.80 17.40
C ILE A 64 3.17 -17.53 18.66
N ILE A 65 3.81 -18.68 18.47
CA ILE A 65 4.39 -19.48 19.55
C ILE A 65 5.25 -18.62 20.49
N ASP A 66 6.22 -17.91 19.90
CA ASP A 66 7.12 -17.02 20.65
C ASP A 66 6.40 -15.96 21.45
N LYS A 67 5.31 -15.43 20.90
CA LYS A 67 4.49 -14.44 21.60
C LYS A 67 3.81 -15.01 22.83
N LEU A 68 3.26 -16.21 22.71
CA LEU A 68 2.58 -16.84 23.83
C LEU A 68 3.60 -17.35 24.84
N GLU A 69 4.72 -17.83 24.31
CA GLU A 69 5.84 -18.35 25.10
C GLU A 69 6.24 -17.35 26.17
N GLU A 70 6.27 -16.08 25.80
CA GLU A 70 6.62 -15.01 26.73
C GLU A 70 5.42 -14.48 27.53
N ASP A 71 4.45 -15.35 27.81
CA ASP A 71 3.23 -14.97 28.55
C ASP A 71 2.82 -15.97 29.64
N ILE A 72 3.81 -16.58 30.29
CA ILE A 72 3.57 -17.61 31.30
C ILE A 72 3.98 -17.14 32.71
N ASN A 73 3.05 -16.62 33.52
CA ASN A 73 1.67 -16.32 33.11
C ASN A 73 1.16 -15.05 33.82
N GLY B 1 -2.29 -18.70 -13.82
CA GLY B 1 -1.32 -17.92 -13.00
C GLY B 1 -0.67 -18.74 -11.89
N ILE B 2 0.45 -18.26 -11.35
CA ILE B 2 1.12 -17.04 -11.78
C ILE B 2 2.19 -17.40 -12.81
N LEU B 3 2.31 -16.59 -13.86
CA LEU B 3 3.20 -16.89 -14.99
C LEU B 3 4.13 -15.75 -15.34
N THR B 4 5.33 -16.09 -15.79
CA THR B 4 6.25 -15.09 -16.35
C THR B 4 6.49 -15.31 -17.83
N ILE B 5 6.18 -14.28 -18.61
CA ILE B 5 6.54 -14.25 -20.02
C ILE B 5 7.36 -12.99 -20.30
N ARG B 6 8.47 -13.16 -21.02
CA ARG B 6 9.32 -12.02 -21.43
C ARG B 6 9.17 -11.75 -22.95
N LEU B 7 8.95 -10.48 -23.29
CA LEU B 7 8.81 -10.09 -24.70
C LEU B 7 10.03 -9.38 -25.23
N LEU B 8 10.60 -9.89 -26.31
CA LEU B 8 11.66 -9.15 -26.99
C LEU B 8 11.10 -7.95 -27.76
N MET B 9 11.76 -6.80 -27.61
CA MET B 9 11.28 -5.52 -28.16
C MET B 9 12.41 -4.57 -28.56
N HIS B 10 12.25 -3.92 -29.71
CA HIS B 10 13.17 -2.90 -30.18
C HIS B 10 13.15 -1.68 -29.27
N GLY B 11 14.08 -0.76 -29.49
CA GLY B 11 14.12 0.50 -28.77
C GLY B 11 12.87 1.30 -29.05
N LYS B 12 12.72 1.70 -30.32
CA LYS B 12 11.54 2.42 -30.83
C LYS B 12 10.21 1.83 -30.34
N GLU B 13 10.08 0.50 -30.46
CA GLU B 13 8.94 -0.23 -29.94
C GLU B 13 8.64 0.13 -28.49
N VAL B 14 9.67 0.14 -27.63
CA VAL B 14 9.49 0.31 -26.19
C VAL B 14 9.06 1.72 -25.82
N GLY B 15 9.69 2.70 -26.45
CA GLY B 15 9.32 4.10 -26.24
C GLY B 15 7.82 4.27 -26.37
N SER B 16 7.25 3.56 -27.35
CA SER B 16 5.82 3.56 -27.59
C SER B 16 5.04 3.17 -26.34
N ILE B 17 5.45 2.05 -25.74
CA ILE B 17 4.76 1.48 -24.59
C ILE B 17 4.87 2.28 -23.31
N ILE B 18 6.03 2.86 -23.06
CA ILE B 18 6.21 3.69 -21.87
C ILE B 18 5.40 4.97 -22.01
N GLY B 19 5.54 5.61 -23.17
CA GLY B 19 4.78 6.82 -23.51
C GLY B 19 5.24 8.02 -22.72
N LYS B 20 4.91 9.20 -23.23
CA LYS B 20 5.24 10.46 -22.57
C LYS B 20 5.05 10.35 -21.06
N LYS B 21 6.06 10.82 -20.31
CA LYS B 21 6.00 10.93 -18.85
C LYS B 21 5.87 9.60 -18.10
N GLY B 22 5.91 8.49 -18.83
CA GLY B 22 5.73 7.17 -18.25
C GLY B 22 4.26 6.78 -18.16
N GLU B 23 3.40 7.62 -18.72
CA GLU B 23 1.95 7.46 -18.58
C GLU B 23 1.39 6.16 -19.15
N SER B 24 1.97 5.63 -20.23
CA SER B 24 1.39 4.45 -20.88
C SER B 24 1.43 3.25 -19.96
N VAL B 25 2.65 2.78 -19.65
CA VAL B 25 2.83 1.64 -18.75
C VAL B 25 2.03 1.86 -17.49
N LYS B 26 2.02 3.11 -17.02
CA LYS B 26 1.21 3.46 -15.88
C LYS B 26 -0.21 2.86 -16.04
N ARG B 27 -0.87 3.11 -17.18
CA ARG B 27 -2.24 2.59 -17.37
C ARG B 27 -2.16 1.08 -17.36
N ILE B 28 -1.25 0.53 -18.15
CA ILE B 28 -1.15 -0.89 -18.42
C ILE B 28 -0.95 -1.72 -17.14
N ARG B 29 -0.26 -1.15 -16.16
CA ARG B 29 -0.07 -1.80 -14.86
C ARG B 29 -1.37 -1.71 -14.04
N GLU B 30 -1.97 -0.51 -14.03
CA GLU B 30 -3.24 -0.25 -13.36
C GLU B 30 -4.35 -1.07 -13.99
N GLU B 31 -4.37 -1.07 -15.32
CA GLU B 31 -5.48 -1.63 -16.10
C GLU B 31 -5.35 -3.10 -16.44
N SER B 32 -4.13 -3.63 -16.43
CA SER B 32 -3.98 -5.07 -16.56
C SER B 32 -3.87 -5.73 -15.19
N GLY B 33 -3.11 -5.12 -14.27
CA GLY B 33 -2.88 -5.69 -12.95
C GLY B 33 -1.88 -6.83 -13.00
N ALA B 34 -0.71 -6.56 -13.59
CA ALA B 34 0.35 -7.55 -13.74
C ALA B 34 1.69 -6.86 -13.46
N ARG B 35 2.65 -7.58 -12.87
CA ARG B 35 3.98 -7.02 -12.65
C ARG B 35 4.59 -6.84 -14.03
N ILE B 36 4.57 -5.61 -14.50
CA ILE B 36 5.15 -5.29 -15.80
C ILE B 36 6.46 -4.58 -15.58
N ASN B 37 7.50 -5.12 -16.19
CA ASN B 37 8.85 -4.61 -15.99
C ASN B 37 9.60 -4.46 -17.31
N ILE B 38 10.33 -3.36 -17.43
CA ILE B 38 11.13 -3.08 -18.62
C ILE B 38 12.57 -2.69 -18.24
N SER B 39 13.53 -3.44 -18.79
CA SER B 39 14.96 -3.19 -18.64
C SER B 39 15.33 -1.88 -19.28
N GLU B 40 16.20 -1.10 -18.64
CA GLU B 40 16.48 0.27 -19.10
C GLU B 40 17.77 0.44 -19.92
N GLY B 41 18.13 1.69 -20.18
CA GLY B 41 19.24 2.04 -21.07
C GLY B 41 18.75 2.01 -22.50
N ASN B 42 19.19 2.98 -23.29
CA ASN B 42 18.82 3.02 -24.70
C ASN B 42 19.50 1.91 -25.52
N CYS B 43 19.26 0.66 -25.12
CA CYS B 43 19.75 -0.53 -25.81
C CYS B 43 18.87 -0.80 -27.02
N PRO B 44 19.46 -1.35 -28.10
CA PRO B 44 18.65 -1.65 -29.28
C PRO B 44 17.57 -2.69 -28.99
N GLU B 45 17.86 -3.61 -28.07
CA GLU B 45 16.92 -4.64 -27.65
C GLU B 45 16.57 -4.52 -26.17
N ARG B 46 15.27 -4.47 -25.87
CA ARG B 46 14.76 -4.41 -24.50
C ARG B 46 13.90 -5.63 -24.15
N ILE B 47 13.56 -5.79 -22.87
CA ILE B 47 12.77 -6.93 -22.41
C ILE B 47 11.66 -6.46 -21.48
N ILE B 48 10.42 -6.61 -21.93
CA ILE B 48 9.27 -6.31 -21.11
C ILE B 48 8.81 -7.61 -20.51
N THR B 49 8.89 -7.70 -19.18
CA THR B 49 8.62 -8.95 -18.48
C THR B 49 7.26 -8.83 -17.83
N LEU B 50 6.43 -9.84 -18.09
CA LEU B 50 5.05 -9.82 -17.64
C LEU B 50 4.82 -11.00 -16.71
N THR B 51 4.32 -10.70 -15.51
CA THR B 51 4.07 -11.70 -14.46
C THR B 51 2.76 -11.42 -13.71
N GLY B 52 1.95 -12.47 -13.54
CA GLY B 52 0.65 -12.38 -12.88
C GLY B 52 -0.31 -13.48 -13.32
N PRO B 53 -1.59 -13.39 -12.90
CA PRO B 53 -2.61 -14.35 -13.36
C PRO B 53 -2.83 -14.28 -14.87
N THR B 54 -2.98 -15.44 -15.50
CA THR B 54 -3.12 -15.57 -16.95
C THR B 54 -3.86 -14.39 -17.58
N ASN B 55 -5.00 -14.04 -17.02
CA ASN B 55 -5.77 -12.90 -17.50
C ASN B 55 -4.98 -11.60 -17.57
N ALA B 56 -4.39 -11.22 -16.44
CA ALA B 56 -3.61 -9.99 -16.38
C ALA B 56 -2.55 -9.94 -17.49
N ILE B 57 -1.92 -11.08 -17.76
CA ILE B 57 -0.96 -11.23 -18.87
C ILE B 57 -1.60 -10.89 -20.21
N PHE B 58 -2.80 -11.46 -20.44
CA PHE B 58 -3.60 -11.19 -21.64
C PHE B 58 -3.92 -9.71 -21.71
N LYS B 59 -4.47 -9.17 -20.62
CA LYS B 59 -4.83 -7.78 -20.57
C LYS B 59 -3.64 -6.94 -21.02
N ALA B 60 -2.48 -7.20 -20.42
CA ALA B 60 -1.29 -6.41 -20.71
C ALA B 60 -0.82 -6.60 -22.16
N PHE B 61 -0.68 -7.86 -22.58
CA PHE B 61 -0.29 -8.17 -23.94
C PHE B 61 -1.19 -7.44 -24.95
N ALA B 62 -2.51 -7.62 -24.79
CA ALA B 62 -3.53 -6.96 -25.61
C ALA B 62 -3.37 -5.45 -25.60
N MET B 63 -3.21 -4.88 -24.41
CA MET B 63 -2.94 -3.45 -24.30
C MET B 63 -1.62 -3.11 -24.96
N ILE B 64 -0.63 -4.00 -24.84
CA ILE B 64 0.67 -3.80 -25.48
C ILE B 64 0.53 -3.79 -27.00
N ILE B 65 -0.08 -4.84 -27.55
CA ILE B 65 -0.30 -4.95 -29.00
C ILE B 65 -0.96 -3.70 -29.58
N ASP B 66 -1.93 -3.14 -28.84
CA ASP B 66 -2.67 -1.97 -29.27
C ASP B 66 -1.80 -0.75 -29.54
N LYS B 67 -0.94 -0.39 -28.58
CA LYS B 67 -0.09 0.79 -28.70
C LYS B 67 0.85 0.65 -29.89
N LEU B 68 1.38 -0.55 -30.12
CA LEU B 68 2.24 -0.80 -31.28
C LEU B 68 1.42 -0.80 -32.56
N GLU B 69 0.21 -1.36 -32.48
CA GLU B 69 -0.71 -1.40 -33.60
C GLU B 69 -0.95 0.01 -34.10
N GLU B 70 -1.34 0.90 -33.19
CA GLU B 70 -1.63 2.29 -33.55
C GLU B 70 -0.36 3.09 -33.91
N ASP B 71 0.76 2.39 -34.03
CA ASP B 71 2.04 3.02 -34.41
C ASP B 71 2.59 2.53 -35.74
N ILE B 72 1.74 1.89 -36.55
CA ILE B 72 2.15 1.43 -37.87
C ILE B 72 2.20 2.57 -38.91
N ASN B 73 3.43 2.97 -39.24
CA ASN B 73 3.66 3.87 -40.36
C ASN B 73 3.45 3.08 -41.66
N SER B 74 3.92 1.83 -41.63
CA SER B 74 3.62 0.79 -42.64
C SER B 74 4.28 -0.52 -42.24
N GLY C 1 21.37 19.28 22.73
CA GLY C 1 20.22 19.83 21.97
C GLY C 1 19.86 19.02 20.75
N ILE C 2 18.87 18.13 20.90
CA ILE C 2 18.40 17.23 19.82
C ILE C 2 17.21 17.89 19.10
N LEU C 3 17.10 17.69 17.79
CA LEU C 3 16.11 18.40 16.95
C LEU C 3 15.37 17.52 15.93
N THR C 4 14.06 17.71 15.83
CA THR C 4 13.22 16.99 14.85
C THR C 4 12.78 17.92 13.73
N ILE C 5 12.94 17.46 12.49
CA ILE C 5 12.58 18.27 11.33
C ILE C 5 11.82 17.46 10.29
N ARG C 6 10.67 17.95 9.88
CA ARG C 6 9.83 17.20 8.95
C ARG C 6 10.07 17.67 7.52
N LEU C 7 10.22 16.72 6.61
CA LEU C 7 10.27 17.02 5.18
C LEU C 7 9.05 16.49 4.43
N LEU C 8 8.38 17.39 3.72
CA LEU C 8 7.35 16.98 2.77
C LEU C 8 8.02 16.44 1.50
N MET C 9 7.64 15.24 1.09
CA MET C 9 8.28 14.60 -0.05
C MET C 9 7.31 13.78 -0.89
N HIS C 10 7.39 13.98 -2.21
CA HIS C 10 6.60 13.24 -3.18
C HIS C 10 6.85 11.74 -3.09
N GLY C 11 5.83 10.97 -3.48
CA GLY C 11 5.94 9.51 -3.53
C GLY C 11 7.05 9.00 -4.44
N LYS C 12 7.26 9.68 -5.57
CA LYS C 12 8.34 9.34 -6.49
C LYS C 12 9.69 9.68 -5.86
N GLU C 13 9.82 10.91 -5.36
CA GLU C 13 10.99 11.31 -4.58
C GLU C 13 11.33 10.24 -3.53
N VAL C 14 10.35 9.92 -2.67
CA VAL C 14 10.57 9.02 -1.54
C VAL C 14 10.91 7.57 -1.93
N GLY C 15 10.78 7.25 -3.21
CA GLY C 15 11.16 5.93 -3.69
C GLY C 15 12.66 5.88 -3.89
N SER C 16 13.20 7.00 -4.35
CA SER C 16 14.63 7.13 -4.62
C SER C 16 15.42 7.03 -3.32
N ILE C 17 14.93 7.76 -2.32
CA ILE C 17 15.51 7.75 -0.97
C ILE C 17 15.48 6.37 -0.34
N ILE C 18 14.49 5.56 -0.73
CA ILE C 18 14.45 4.16 -0.31
C ILE C 18 14.81 3.28 -1.48
N GLY C 19 16.09 3.32 -1.90
CA GLY C 19 16.55 2.52 -3.04
C GLY C 19 16.17 1.05 -3.03
N LYS C 20 16.45 0.35 -4.12
CA LYS C 20 16.11 -1.08 -4.23
C LYS C 20 16.36 -1.86 -2.94
N LYS C 21 15.34 -2.65 -2.53
CA LYS C 21 15.39 -3.45 -1.29
C LYS C 21 15.25 -2.63 -0.02
N GLY C 22 16.03 -1.51 0.05
CA GLY C 22 15.94 -0.58 1.17
C GLY C 22 17.30 0.06 1.49
N GLU C 23 18.26 -0.21 0.56
CA GLU C 23 19.69 0.09 0.80
C GLU C 23 20.04 1.58 0.95
N SER C 24 19.28 2.44 0.30
CA SER C 24 19.62 3.86 0.30
C SER C 24 19.33 4.44 1.67
N VAL C 25 18.16 4.12 2.24
CA VAL C 25 17.86 4.61 3.60
C VAL C 25 18.78 3.96 4.62
N LYS C 26 19.05 2.67 4.40
CA LYS C 26 20.05 1.93 5.17
C LYS C 26 21.35 2.73 5.27
N ARG C 27 21.91 3.10 4.12
CA ARG C 27 23.09 3.96 4.08
C ARG C 27 22.87 5.22 4.91
N ILE C 28 21.88 6.03 4.50
CA ILE C 28 21.65 7.36 5.08
C ILE C 28 21.43 7.33 6.60
N ARG C 29 20.91 6.21 7.11
CA ARG C 29 20.69 6.08 8.55
C ARG C 29 22.00 5.79 9.27
N GLU C 30 22.69 4.74 8.80
CA GLU C 30 23.96 4.28 9.38
C GLU C 30 25.08 5.29 9.19
N GLU C 31 24.99 6.08 8.13
CA GLU C 31 26.05 7.02 7.76
C GLU C 31 25.80 8.45 8.24
N SER C 32 24.62 8.73 8.77
CA SER C 32 24.34 10.06 9.32
C SER C 32 24.00 10.00 10.81
N GLY C 33 23.52 8.84 11.25
CA GLY C 33 23.22 8.60 12.65
C GLY C 33 22.03 9.37 13.21
N ALA C 34 21.26 9.96 12.30
CA ALA C 34 20.00 10.60 12.64
C ALA C 34 18.91 9.54 12.69
N ARG C 35 17.86 9.80 13.47
CA ARG C 35 16.67 8.95 13.43
C ARG C 35 15.81 9.45 12.27
N ILE C 36 15.56 8.53 11.35
CA ILE C 36 14.87 8.87 10.12
C ILE C 36 13.62 7.99 9.99
N ASN C 37 12.49 8.67 9.83
CA ASN C 37 11.20 8.01 9.68
C ASN C 37 10.41 8.48 8.45
N ILE C 38 9.64 7.55 7.88
CA ILE C 38 8.96 7.76 6.61
C ILE C 38 7.58 7.09 6.62
N SER C 39 6.53 7.90 6.47
CA SER C 39 5.13 7.40 6.41
C SER C 39 4.93 6.38 5.29
N GLU C 40 4.06 5.40 5.52
CA GLU C 40 3.78 4.39 4.47
C GLU C 40 2.47 4.62 3.72
N GLY C 41 2.24 3.80 2.70
CA GLY C 41 1.40 4.18 1.55
C GLY C 41 2.37 4.92 0.63
N ASN C 42 2.31 4.74 -0.70
CA ASN C 42 1.11 4.47 -1.50
C ASN C 42 0.09 5.61 -1.32
N CYS C 43 0.64 6.73 -0.82
CA CYS C 43 -0.01 8.00 -0.61
C CYS C 43 0.82 9.07 -1.33
N PRO C 44 0.18 9.98 -2.08
CA PRO C 44 0.89 10.99 -2.90
C PRO C 44 1.96 11.79 -2.17
N GLU C 45 1.62 12.26 -0.96
CA GLU C 45 2.58 12.96 -0.12
C GLU C 45 3.15 12.06 0.98
N ARG C 46 4.44 12.22 1.25
CA ARG C 46 5.14 11.45 2.28
C ARG C 46 5.97 12.38 3.16
N ILE C 47 5.88 12.17 4.47
CA ILE C 47 6.72 12.90 5.43
C ILE C 47 7.99 12.09 5.70
N ILE C 48 9.14 12.77 5.65
CA ILE C 48 10.38 12.17 6.12
C ILE C 48 10.81 12.95 7.36
N THR C 49 10.66 12.32 8.53
CA THR C 49 11.00 12.99 9.79
C THR C 49 12.44 12.72 10.18
N LEU C 50 13.16 13.79 10.50
CA LEU C 50 14.58 13.71 10.85
C LEU C 50 14.79 14.23 12.26
N THR C 51 15.19 13.32 13.15
CA THR C 51 15.45 13.66 14.55
C THR C 51 16.93 13.43 14.91
N GLY C 52 17.54 14.39 15.61
CA GLY C 52 18.95 14.29 16.03
C GLY C 52 19.69 15.61 16.25
N PRO C 53 20.99 15.53 16.58
CA PRO C 53 21.80 16.77 16.64
C PRO C 53 21.97 17.38 15.27
N THR C 54 22.17 18.69 15.21
CA THR C 54 22.28 19.42 13.95
C THR C 54 23.10 18.66 12.93
N ASN C 55 24.33 18.32 13.29
CA ASN C 55 25.21 17.63 12.37
C ASN C 55 24.55 16.38 11.81
N ALA C 56 23.93 15.57 12.66
CA ALA C 56 23.23 14.36 12.22
C ALA C 56 22.08 14.70 11.26
N ILE C 57 21.33 15.75 11.59
CA ILE C 57 20.24 16.23 10.74
C ILE C 57 20.76 16.62 9.37
N PHE C 58 21.79 17.45 9.36
CA PHE C 58 22.36 17.98 8.13
C PHE C 58 22.98 16.89 7.27
N LYS C 59 23.61 15.93 7.93
CA LYS C 59 24.23 14.82 7.24
C LYS C 59 23.16 14.13 6.43
N ALA C 60 22.10 13.69 7.12
CA ALA C 60 20.97 12.98 6.52
C ALA C 60 20.35 13.83 5.41
N PHE C 61 20.09 15.09 5.73
CA PHE C 61 19.61 16.03 4.74
C PHE C 61 20.50 16.01 3.49
N ALA C 62 21.79 16.24 3.68
CA ALA C 62 22.70 16.39 2.54
C ALA C 62 22.72 15.15 1.66
N MET C 63 22.86 13.98 2.28
CA MET C 63 22.89 12.72 1.57
C MET C 63 21.62 12.52 0.74
N ILE C 64 20.53 13.11 1.21
CA ILE C 64 19.26 13.02 0.52
C ILE C 64 19.28 13.94 -0.70
N ILE C 65 19.43 15.24 -0.44
CA ILE C 65 19.52 16.23 -1.51
C ILE C 65 20.35 15.64 -2.65
N ASP C 66 21.40 14.91 -2.28
CA ASP C 66 22.30 14.25 -3.22
C ASP C 66 21.59 13.20 -4.04
N LYS C 67 20.89 12.29 -3.34
CA LYS C 67 20.21 11.20 -4.00
C LYS C 67 19.24 11.77 -5.02
N LEU C 68 18.47 12.76 -4.59
CA LEU C 68 17.53 13.44 -5.47
C LEU C 68 18.24 14.24 -6.55
N GLU C 69 19.45 14.73 -6.25
CA GLU C 69 20.20 15.56 -7.19
C GLU C 69 20.63 14.75 -8.40
N GLU C 70 21.28 13.61 -8.16
CA GLU C 70 21.73 12.73 -9.24
C GLU C 70 20.58 12.02 -9.97
N ASP C 71 19.34 12.41 -9.65
CA ASP C 71 18.14 11.91 -10.33
C ASP C 71 17.75 12.75 -11.57
N ILE C 72 18.34 13.93 -11.68
CA ILE C 72 18.05 14.86 -12.77
C ILE C 72 18.67 14.40 -14.11
N ILE D 2 -27.33 22.10 -4.09
CA ILE D 2 -26.07 21.30 -4.21
C ILE D 2 -25.00 21.90 -3.29
N LEU D 3 -24.75 21.24 -2.17
CA LEU D 3 -23.80 21.72 -1.15
C LEU D 3 -22.62 20.77 -1.02
N THR D 4 -21.43 21.32 -0.81
CA THR D 4 -20.24 20.50 -0.57
C THR D 4 -19.76 20.60 0.88
N ILE D 5 -19.62 19.43 1.52
CA ILE D 5 -19.15 19.34 2.91
C ILE D 5 -18.05 18.29 3.07
N ARG D 6 -16.83 18.75 3.39
CA ARG D 6 -15.68 17.85 3.54
C ARG D 6 -15.56 17.29 4.96
N LEU D 7 -15.28 15.99 5.05
CA LEU D 7 -15.13 15.30 6.33
C LEU D 7 -13.73 14.76 6.50
N LEU D 8 -13.05 15.24 7.54
CA LEU D 8 -11.75 14.70 7.89
C LEU D 8 -11.91 13.38 8.62
N MET D 9 -11.16 12.37 8.18
CA MET D 9 -11.35 11.00 8.64
C MET D 9 -10.05 10.20 8.75
N HIS D 10 -9.84 9.54 9.89
CA HIS D 10 -8.69 8.67 10.11
C HIS D 10 -8.67 7.52 9.10
N GLY D 11 -7.49 6.96 8.89
CA GLY D 11 -7.32 5.84 7.95
C GLY D 11 -8.14 4.60 8.28
N LYS D 12 -8.30 4.32 9.58
CA LYS D 12 -9.11 3.20 10.08
C LYS D 12 -10.58 3.41 9.76
N GLU D 13 -11.11 4.54 10.23
CA GLU D 13 -12.50 4.91 10.02
C GLU D 13 -12.86 4.71 8.56
N VAL D 14 -12.16 5.42 7.67
CA VAL D 14 -12.47 5.45 6.24
C VAL D 14 -12.52 4.06 5.59
N GLY D 15 -11.66 3.15 6.05
CA GLY D 15 -11.69 1.77 5.59
C GLY D 15 -12.99 1.06 5.91
N SER D 16 -13.68 1.52 6.96
CA SER D 16 -14.97 0.93 7.37
C SER D 16 -16.11 1.41 6.50
N ILE D 17 -16.01 2.66 6.03
CA ILE D 17 -16.98 3.25 5.10
C ILE D 17 -16.95 2.54 3.76
N ILE D 18 -15.78 2.03 3.39
CA ILE D 18 -15.61 1.32 2.14
C ILE D 18 -15.73 -0.18 2.37
N GLY D 19 -16.03 -0.53 3.63
CA GLY D 19 -16.00 -1.90 4.15
C GLY D 19 -16.12 -3.03 3.17
N LYS D 20 -15.11 -3.89 3.15
CA LYS D 20 -15.07 -5.06 2.24
C LYS D 20 -14.91 -4.64 0.77
N LYS D 21 -15.07 -5.59 -0.15
CA LYS D 21 -14.82 -5.37 -1.59
C LYS D 21 -15.02 -3.94 -2.07
N GLY D 22 -16.09 -3.29 -1.58
CA GLY D 22 -16.32 -1.85 -1.80
C GLY D 22 -17.74 -1.48 -1.47
N GLU D 23 -18.50 -2.50 -1.05
CA GLU D 23 -19.97 -2.45 -0.99
C GLU D 23 -20.51 -1.44 0.02
N SER D 24 -19.76 -1.16 1.07
CA SER D 24 -20.25 -0.25 2.09
C SER D 24 -20.48 1.15 1.51
N VAL D 25 -19.60 1.60 0.61
CA VAL D 25 -19.83 2.88 -0.08
C VAL D 25 -20.92 2.74 -1.13
N LYS D 26 -20.88 1.63 -1.86
CA LYS D 26 -21.96 1.26 -2.78
C LYS D 26 -23.33 1.54 -2.13
N ARG D 27 -23.59 0.92 -0.97
CA ARG D 27 -24.81 1.14 -0.16
C ARG D 27 -25.16 2.61 -0.03
N ILE D 28 -24.20 3.39 0.47
CA ILE D 28 -24.40 4.79 0.85
C ILE D 28 -24.53 5.70 -0.38
N ARG D 29 -23.76 5.41 -1.42
CA ARG D 29 -23.79 6.18 -2.67
C ARG D 29 -25.16 6.07 -3.30
N GLU D 30 -25.66 4.84 -3.33
CA GLU D 30 -26.95 4.52 -3.92
C GLU D 30 -28.11 4.96 -3.02
N GLU D 31 -28.17 4.43 -1.79
CA GLU D 31 -29.31 4.69 -0.89
C GLU D 31 -29.43 6.12 -0.33
N SER D 32 -28.36 6.91 -0.42
CA SER D 32 -28.42 8.30 0.05
C SER D 32 -28.57 9.31 -1.11
N GLY D 33 -28.14 8.90 -2.30
CA GLY D 33 -28.17 9.74 -3.49
C GLY D 33 -27.34 11.01 -3.36
N ALA D 34 -26.13 10.87 -2.83
CA ALA D 34 -25.18 11.97 -2.71
C ALA D 34 -23.93 11.70 -3.57
N ARG D 35 -23.24 12.78 -3.94
CA ARG D 35 -21.92 12.67 -4.59
C ARG D 35 -20.84 12.56 -3.52
N ILE D 36 -20.43 11.30 -3.28
CA ILE D 36 -19.44 10.94 -2.27
C ILE D 36 -18.09 10.70 -2.95
N ASN D 37 -17.06 11.43 -2.50
CA ASN D 37 -15.69 11.16 -2.94
C ASN D 37 -14.76 10.89 -1.76
N ILE D 38 -13.76 10.03 -1.99
CA ILE D 38 -12.76 9.70 -0.97
C ILE D 38 -11.35 9.81 -1.54
N SER D 39 -10.52 10.66 -0.94
CA SER D 39 -9.09 10.78 -1.28
C SER D 39 -8.39 9.42 -1.21
N GLU D 40 -7.40 9.19 -2.05
CA GLU D 40 -6.85 7.83 -2.21
C GLU D 40 -5.45 7.60 -1.64
N GLY D 41 -5.13 6.33 -1.44
CA GLY D 41 -3.85 5.91 -0.90
C GLY D 41 -3.85 5.81 0.61
N ASN D 42 -2.91 5.02 1.14
CA ASN D 42 -2.73 4.86 2.59
C ASN D 42 -2.15 6.10 3.26
N CYS D 43 -2.87 7.22 3.17
CA CYS D 43 -2.55 8.40 3.94
C CYS D 43 -3.29 8.23 5.25
N PRO D 44 -2.66 8.64 6.37
CA PRO D 44 -3.35 8.45 7.64
C PRO D 44 -4.62 9.28 7.67
N GLU D 45 -4.59 10.39 6.93
CA GLU D 45 -5.62 11.42 7.01
C GLU D 45 -6.37 11.60 5.67
N ARG D 46 -7.66 11.25 5.68
CA ARG D 46 -8.49 11.17 4.46
C ARG D 46 -9.72 12.07 4.49
N ILE D 47 -10.05 12.61 3.31
CA ILE D 47 -11.21 13.48 3.14
C ILE D 47 -12.35 12.75 2.43
N ILE D 48 -13.56 12.87 2.97
CA ILE D 48 -14.77 12.41 2.29
C ILE D 48 -15.62 13.62 1.97
N THR D 49 -15.62 14.00 0.69
CA THR D 49 -16.45 15.10 0.21
C THR D 49 -17.87 14.58 -0.01
N LEU D 50 -18.86 15.38 0.35
CA LEU D 50 -20.27 15.03 0.12
C LEU D 50 -20.94 16.20 -0.59
N THR D 51 -21.47 15.92 -1.78
CA THR D 51 -22.19 16.93 -2.56
C THR D 51 -23.63 16.49 -2.88
N GLY D 52 -24.57 17.42 -2.75
CA GLY D 52 -26.00 17.16 -2.93
C GLY D 52 -26.90 18.09 -2.14
N PRO D 53 -28.18 17.74 -1.98
CA PRO D 53 -29.08 18.55 -1.17
C PRO D 53 -28.97 18.19 0.30
N THR D 54 -29.42 19.09 1.17
CA THR D 54 -29.43 18.83 2.61
C THR D 54 -29.88 17.41 2.93
N ASN D 55 -30.85 16.92 2.17
CA ASN D 55 -31.35 15.56 2.33
C ASN D 55 -30.27 14.52 2.12
N ALA D 56 -29.65 14.54 0.95
CA ALA D 56 -28.65 13.54 0.58
C ALA D 56 -27.41 13.62 1.45
N ILE D 57 -26.96 14.85 1.70
CA ILE D 57 -25.88 15.11 2.65
C ILE D 57 -26.22 14.50 4.00
N PHE D 58 -27.41 14.80 4.50
CA PHE D 58 -27.89 14.30 5.77
C PHE D 58 -28.00 12.77 5.78
N LYS D 59 -28.50 12.20 4.69
CA LYS D 59 -28.61 10.74 4.55
C LYS D 59 -27.21 10.12 4.65
N ALA D 60 -26.33 10.54 3.74
CA ALA D 60 -24.99 9.98 3.64
C ALA D 60 -24.32 10.00 5.00
N PHE D 61 -24.31 11.19 5.61
CA PHE D 61 -23.73 11.38 6.91
C PHE D 61 -24.26 10.34 7.91
N ALA D 62 -25.58 10.28 8.06
CA ALA D 62 -26.22 9.35 8.99
C ALA D 62 -25.82 7.91 8.71
N MET D 63 -25.60 7.59 7.44
CA MET D 63 -25.20 6.25 7.05
C MET D 63 -23.77 5.98 7.45
N ILE D 64 -22.93 7.00 7.31
CA ILE D 64 -21.56 6.93 7.79
C ILE D 64 -21.56 6.67 9.29
N ILE D 65 -22.18 7.58 10.06
CA ILE D 65 -22.16 7.50 11.52
C ILE D 65 -22.52 6.10 12.00
N ASP D 66 -23.48 5.47 11.33
CA ASP D 66 -23.95 4.15 11.72
C ASP D 66 -22.94 3.06 11.43
N LYS D 67 -22.16 3.22 10.35
CA LYS D 67 -21.07 2.29 10.07
C LYS D 67 -20.01 2.46 11.15
N LEU D 68 -19.76 3.71 11.54
CA LEU D 68 -18.79 4.03 12.59
C LEU D 68 -19.28 3.59 13.98
N GLU D 69 -20.51 3.96 14.31
CA GLU D 69 -21.11 3.71 15.64
C GLU D 69 -20.93 2.27 16.13
N GLU D 70 -21.04 1.30 15.21
CA GLU D 70 -21.01 -0.12 15.55
C GLU D 70 -19.62 -0.71 15.86
N ASP D 71 -18.58 0.14 15.81
CA ASP D 71 -17.21 -0.29 16.12
C ASP D 71 -16.51 0.66 17.12
N ILE D 72 -16.70 0.55 18.44
CA ILE D 72 -17.52 -0.45 19.18
C ILE D 72 -17.45 -1.89 18.66
#